data_7XQT
#
_entry.id   7XQT
#
_cell.length_a   53.503
_cell.length_b   70.758
_cell.length_c   119.150
_cell.angle_alpha   90.000
_cell.angle_beta   90.000
_cell.angle_gamma   90.000
#
_symmetry.space_group_name_H-M   'P 21 21 21'
#
loop_
_entity.id
_entity.type
_entity.pdbx_description
1 polymer 'MHC class I antigen alpha chain'
2 polymer Beta-2-microglobulin
3 polymer 'peptide from Spike glycoprotein'
4 water water
#
loop_
_entity_poly.entity_id
_entity_poly.type
_entity_poly.pdbx_seq_one_letter_code
_entity_poly.pdbx_strand_id
1 'polypeptide(L)'
;GSHSLRYFHTAMSRPGLGEPRFISVGYVDNTQFVRFDSDAPNPKMEPRAPWVEQVGPEYWDEETRNAKDNAQNFRVNLQT
VLRYYNQSESGSHSLQRMYGCDVGPDGCLLRGYSQVSYDGKDYISLNKDLRSWTAADTAAQITRLKWEEAGVAEQERNYL
EGTCVEWLAKYLDMGKETLLRAESPNTRMTRHPISDREVTLRCWALGFYPAEITLTWQRDGQDHTQDAELVETRPAGDGT
FQKWAAVVVPSGEEQRYTCHVQHEGLPEPITLRW
;
A
2 'polypeptide(L)'
;MVQHSPKVQVYSRHPAENGKPNFLNCYVSGFHPPQIDITLMKNGKKMEAEQTDLSFNRDWTFYLLVHTEFTPTVEDEYSC
QVNHTTLSEPKVVKWDRDM
;
B
3 'polypeptide(L)' RSAVEDLLF C
#
# COMPACT_ATOMS: atom_id res chain seq x y z
N GLY A 1 -16.48 8.53 -12.09
CA GLY A 1 -15.27 9.04 -11.44
C GLY A 1 -13.96 8.73 -12.18
N SER A 2 -12.82 9.12 -11.59
CA SER A 2 -11.51 8.87 -12.19
C SER A 2 -10.87 7.61 -11.61
N HIS A 3 -10.00 6.98 -12.39
CA HIS A 3 -9.36 5.74 -12.00
C HIS A 3 -7.91 5.71 -12.45
N SER A 4 -7.14 4.82 -11.85
CA SER A 4 -5.73 4.72 -12.11
C SER A 4 -5.31 3.26 -12.21
N LEU A 5 -4.42 3.00 -13.16
CA LEU A 5 -3.69 1.75 -13.28
C LEU A 5 -2.22 2.04 -12.97
N ARG A 6 -1.70 1.47 -11.88
CA ARG A 6 -0.29 1.65 -11.53
C ARG A 6 0.38 0.30 -11.20
N TYR A 7 1.67 0.23 -11.51
CA TYR A 7 2.55 -0.91 -11.22
C TYR A 7 3.66 -0.47 -10.29
N PHE A 8 4.05 -1.33 -9.35
CA PHE A 8 5.06 -1.03 -8.33
C PHE A 8 6.17 -2.07 -8.29
N HIS A 9 7.33 -1.78 -8.88
CA HIS A 9 8.50 -2.67 -8.78
C HIS A 9 9.31 -2.36 -7.52
N THR A 10 9.90 -3.41 -6.94
CA THR A 10 10.86 -3.25 -5.86
C THR A 10 12.02 -4.19 -6.16
N ALA A 11 13.25 -3.68 -6.13
CA ALA A 11 14.42 -4.51 -6.42
C ALA A 11 15.34 -4.43 -5.21
N MET A 12 15.62 -5.59 -4.62
CA MET A 12 16.21 -5.71 -3.27
C MET A 12 17.51 -6.48 -3.33
N SER A 13 18.65 -5.79 -3.35
CA SER A 13 19.93 -6.48 -3.24
C SER A 13 20.10 -7.00 -1.83
N ARG A 14 20.16 -8.32 -1.68
CA ARG A 14 20.51 -8.94 -0.41
C ARG A 14 21.98 -9.30 -0.50
N PRO A 15 22.85 -8.66 0.26
CA PRO A 15 24.27 -8.65 -0.13
C PRO A 15 24.93 -10.00 0.06
N GLY A 16 24.86 -10.50 1.29
CA GLY A 16 25.60 -11.69 1.66
C GLY A 16 25.28 -12.86 0.77
N LEU A 17 24.02 -13.28 0.79
CA LEU A 17 23.61 -14.58 0.29
C LEU A 17 22.49 -14.40 -0.72
N GLY A 18 22.83 -14.48 -2.01
CA GLY A 18 21.83 -14.50 -3.07
C GLY A 18 21.66 -13.20 -3.84
N GLU A 19 21.36 -13.34 -5.15
CA GLU A 19 21.02 -12.26 -6.09
C GLU A 19 19.82 -11.48 -5.56
N PRO A 20 19.49 -10.32 -6.13
CA PRO A 20 18.44 -9.50 -5.53
C PRO A 20 17.04 -10.01 -5.88
N ARG A 21 16.12 -9.86 -4.92
CA ARG A 21 14.71 -10.16 -5.13
C ARG A 21 13.98 -9.04 -5.88
N PHE A 22 13.12 -9.42 -6.81
CA PHE A 22 12.40 -8.46 -7.64
C PHE A 22 10.92 -8.69 -7.49
N ILE A 23 10.22 -7.79 -6.81
CA ILE A 23 8.79 -7.92 -6.54
C ILE A 23 8.09 -6.78 -7.28
N SER A 24 7.47 -7.09 -8.40
CA SER A 24 6.49 -6.16 -8.95
C SER A 24 5.11 -6.49 -8.38
N VAL A 25 4.17 -5.58 -8.60
CA VAL A 25 2.83 -5.60 -8.00
C VAL A 25 1.94 -4.73 -8.87
N GLY A 26 0.69 -5.12 -9.05
CA GLY A 26 -0.22 -4.43 -9.95
C GLY A 26 -1.49 -3.99 -9.28
N TYR A 27 -1.93 -2.76 -9.59
CA TYR A 27 -3.12 -2.19 -8.97
C TYR A 27 -4.00 -1.49 -10.02
N VAL A 28 -5.31 -1.67 -9.90
CA VAL A 28 -6.30 -0.79 -10.50
C VAL A 28 -7.02 -0.15 -9.33
N ASP A 29 -6.97 1.19 -9.22
CA ASP A 29 -7.37 1.87 -8.00
C ASP A 29 -6.79 1.14 -6.80
N ASN A 30 -7.57 0.99 -5.73
CA ASN A 30 -7.05 0.41 -4.48
C ASN A 30 -7.01 -1.12 -4.48
N THR A 31 -7.03 -1.76 -5.65
CA THR A 31 -7.33 -3.18 -5.74
C THR A 31 -6.17 -3.85 -6.45
N GLN A 32 -5.42 -4.66 -5.71
CA GLN A 32 -4.37 -5.46 -6.32
C GLN A 32 -4.98 -6.58 -7.18
N PHE A 33 -4.37 -6.78 -8.33
CA PHE A 33 -4.85 -7.73 -9.31
C PHE A 33 -3.72 -8.54 -9.93
N VAL A 34 -2.47 -8.30 -9.55
CA VAL A 34 -1.30 -8.90 -10.19
C VAL A 34 -0.11 -8.85 -9.23
N ARG A 35 0.82 -9.79 -9.40
CA ARG A 35 2.05 -9.88 -8.60
C ARG A 35 3.05 -10.79 -9.31
N PHE A 36 4.34 -10.43 -9.21
CA PHE A 36 5.46 -11.25 -9.65
C PHE A 36 6.53 -11.26 -8.58
N ASP A 37 7.34 -12.32 -8.57
CA ASP A 37 8.37 -12.49 -7.54
C ASP A 37 9.54 -13.28 -8.13
N SER A 38 10.75 -12.74 -8.00
CA SER A 38 11.90 -13.22 -8.76
C SER A 38 12.53 -14.49 -8.21
N ASP A 39 12.44 -14.74 -6.90
CA ASP A 39 13.05 -15.95 -6.36
C ASP A 39 11.96 -16.95 -6.00
N ALA A 40 11.12 -17.29 -6.96
CA ALA A 40 10.10 -18.31 -6.79
C ALA A 40 10.62 -19.59 -7.43
N PRO A 41 9.89 -20.71 -7.38
CA PRO A 41 10.27 -21.83 -8.24
C PRO A 41 9.67 -21.63 -9.62
N ASN A 42 10.53 -21.42 -10.64
CA ASN A 42 10.09 -21.09 -11.99
C ASN A 42 9.09 -19.94 -11.92
N PRO A 43 9.55 -18.75 -11.47
CA PRO A 43 8.61 -17.67 -11.09
C PRO A 43 7.72 -17.21 -12.22
N LYS A 44 6.47 -16.85 -11.88
CA LYS A 44 5.44 -16.50 -12.85
C LYS A 44 4.57 -15.36 -12.33
N MET A 45 4.22 -14.41 -13.22
CA MET A 45 3.14 -13.46 -13.00
C MET A 45 1.87 -14.21 -12.64
N GLU A 46 1.21 -13.78 -11.57
CA GLU A 46 0.04 -14.50 -11.09
C GLU A 46 -1.14 -13.56 -10.81
N PRO A 47 -2.38 -14.02 -11.01
CA PRO A 47 -3.53 -13.16 -10.66
C PRO A 47 -3.69 -13.07 -9.16
N ARG A 48 -4.25 -11.93 -8.72
CA ARG A 48 -4.46 -11.65 -7.31
C ARG A 48 -5.76 -10.88 -7.07
N ALA A 49 -6.56 -10.66 -8.12
CA ALA A 49 -7.98 -10.35 -8.10
C ALA A 49 -8.68 -11.31 -9.07
N PRO A 50 -9.94 -11.64 -8.80
CA PRO A 50 -10.60 -12.69 -9.62
C PRO A 50 -10.88 -12.29 -11.05
N TRP A 51 -11.23 -11.02 -11.30
CA TRP A 51 -11.77 -10.58 -12.59
C TRP A 51 -10.74 -10.62 -13.72
N VAL A 52 -9.44 -10.58 -13.39
CA VAL A 52 -8.41 -10.57 -14.42
C VAL A 52 -8.24 -11.94 -15.04
N GLU A 53 -8.77 -12.99 -14.39
CA GLU A 53 -8.42 -14.36 -14.77
C GLU A 53 -8.93 -14.75 -16.15
N GLN A 54 -10.08 -14.21 -16.58
CA GLN A 54 -10.59 -14.46 -17.92
C GLN A 54 -9.91 -13.51 -18.91
N VAL A 55 -8.59 -13.71 -19.03
CA VAL A 55 -7.72 -12.97 -19.95
C VAL A 55 -6.84 -14.01 -20.61
N GLY A 56 -6.47 -13.75 -21.88
CA GLY A 56 -5.84 -14.75 -22.71
C GLY A 56 -4.62 -15.41 -22.10
N PRO A 57 -4.37 -16.68 -22.41
CA PRO A 57 -3.11 -17.30 -21.95
C PRO A 57 -1.92 -16.70 -22.67
N GLU A 58 -2.16 -16.06 -23.81
CA GLU A 58 -1.23 -15.13 -24.45
C GLU A 58 -0.68 -14.13 -23.44
N TYR A 59 -1.58 -13.63 -22.59
CA TYR A 59 -1.31 -12.51 -21.70
C TYR A 59 -0.29 -12.89 -20.63
N TRP A 60 -0.58 -13.92 -19.84
CA TRP A 60 0.31 -14.28 -18.75
C TRP A 60 1.68 -14.74 -19.24
N ASP A 61 1.75 -15.37 -20.41
CA ASP A 61 3.04 -15.71 -20.99
C ASP A 61 3.85 -14.45 -21.22
N GLU A 62 3.28 -13.50 -21.96
CA GLU A 62 3.97 -12.26 -22.30
C GLU A 62 4.33 -11.44 -21.05
N GLU A 63 3.55 -11.56 -19.97
CA GLU A 63 3.78 -10.76 -18.77
C GLU A 63 4.93 -11.29 -17.91
N THR A 64 5.17 -12.61 -17.93
CA THR A 64 6.33 -13.17 -17.25
C THR A 64 7.61 -12.91 -18.04
N ARG A 65 7.60 -13.16 -19.35
CA ARG A 65 8.73 -12.74 -20.17
C ARG A 65 9.03 -11.25 -20.04
N ASN A 66 8.08 -10.45 -19.57
CA ASN A 66 8.37 -9.06 -19.23
C ASN A 66 8.91 -8.94 -17.83
N ALA A 67 8.21 -9.53 -16.86
CA ALA A 67 8.62 -9.42 -15.47
C ALA A 67 10.04 -9.93 -15.28
N LYS A 68 10.39 -11.00 -16.00
CA LYS A 68 11.73 -11.55 -15.93
C LYS A 68 12.75 -10.57 -16.48
N ASP A 69 12.49 -10.04 -17.68
CA ASP A 69 13.39 -9.06 -18.30
C ASP A 69 13.67 -7.88 -17.37
N ASN A 70 12.63 -7.41 -16.67
CA ASN A 70 12.81 -6.31 -15.73
C ASN A 70 13.69 -6.73 -14.57
N ALA A 71 13.52 -7.96 -14.07
CA ALA A 71 14.38 -8.43 -12.98
C ALA A 71 15.85 -8.42 -13.41
N GLN A 72 16.12 -8.80 -14.65
CA GLN A 72 17.50 -8.73 -15.12
C GLN A 72 18.02 -7.32 -15.04
N ASN A 73 17.37 -6.41 -15.77
CA ASN A 73 17.80 -5.02 -15.86
C ASN A 73 18.00 -4.40 -14.47
N PHE A 74 17.10 -4.71 -13.52
CA PHE A 74 17.16 -4.10 -12.20
C PHE A 74 18.22 -4.72 -11.30
N ARG A 75 18.73 -5.89 -11.65
CA ARG A 75 19.89 -6.44 -10.97
C ARG A 75 21.16 -5.77 -11.45
N VAL A 76 21.29 -5.58 -12.76
CA VAL A 76 22.37 -4.75 -13.31
C VAL A 76 22.23 -3.30 -12.84
N ASN A 77 20.99 -2.78 -12.79
CA ASN A 77 20.78 -1.41 -12.33
C ASN A 77 21.23 -1.25 -10.90
N LEU A 78 20.84 -2.18 -10.03
CA LEU A 78 21.22 -2.15 -8.63
C LEU A 78 22.73 -2.11 -8.47
N GLN A 79 23.45 -2.87 -9.31
CA GLN A 79 24.90 -2.81 -9.36
C GLN A 79 25.36 -1.49 -9.95
N THR A 80 24.77 -1.10 -11.07
CA THR A 80 25.18 0.14 -11.74
C THR A 80 25.14 1.32 -10.77
N VAL A 81 24.05 1.45 -10.02
CA VAL A 81 23.93 2.53 -9.04
C VAL A 81 25.02 2.39 -7.99
N LEU A 82 25.18 1.20 -7.41
CA LEU A 82 26.13 1.04 -6.30
C LEU A 82 27.51 1.53 -6.68
N ARG A 83 27.92 1.28 -7.92
CA ARG A 83 29.22 1.76 -8.39
C ARG A 83 29.20 3.26 -8.68
N TYR A 84 28.07 3.82 -9.17
CA TYR A 84 27.97 5.27 -9.36
C TYR A 84 28.30 5.99 -8.06
N TYR A 85 27.88 5.43 -6.94
CA TYR A 85 28.09 6.07 -5.66
C TYR A 85 29.36 5.60 -4.97
N ASN A 86 29.99 4.54 -5.50
CA ASN A 86 31.11 3.85 -4.85
C ASN A 86 30.71 3.39 -3.43
N GLN A 87 29.64 2.58 -3.39
CA GLN A 87 29.17 1.97 -2.15
C GLN A 87 29.68 0.54 -2.06
N SER A 88 29.88 0.08 -0.83
CA SER A 88 30.48 -1.24 -0.64
C SER A 88 29.46 -2.32 -0.97
N GLU A 89 29.93 -3.43 -1.54
CA GLU A 89 29.02 -4.53 -1.79
C GLU A 89 28.53 -5.15 -0.49
N SER A 90 29.19 -4.85 0.63
CA SER A 90 28.69 -5.19 1.97
C SER A 90 27.22 -4.81 2.19
N GLY A 91 26.70 -3.84 1.44
CA GLY A 91 25.41 -3.24 1.73
C GLY A 91 24.24 -3.83 0.95
N SER A 92 23.09 -3.84 1.62
CA SER A 92 21.81 -4.07 0.96
C SER A 92 21.19 -2.73 0.58
N HIS A 93 20.79 -2.62 -0.68
CA HIS A 93 20.24 -1.40 -1.25
C HIS A 93 19.00 -1.75 -2.06
N SER A 94 18.11 -0.80 -2.22
CA SER A 94 16.88 -1.07 -2.97
C SER A 94 16.66 0.01 -4.03
N LEU A 95 16.17 -0.43 -5.18
CA LEU A 95 15.59 0.43 -6.20
C LEU A 95 14.09 0.17 -6.24
N GLN A 96 13.30 1.24 -6.30
CA GLN A 96 11.87 1.14 -6.52
C GLN A 96 11.52 1.92 -7.77
N ARG A 97 10.53 1.42 -8.50
CA ARG A 97 10.01 2.06 -9.69
C ARG A 97 8.52 2.09 -9.57
N MET A 98 7.91 3.20 -9.97
CA MET A 98 6.47 3.26 -10.04
C MET A 98 6.14 3.98 -11.33
N TYR A 99 5.24 3.38 -12.11
CA TYR A 99 4.68 4.02 -13.28
C TYR A 99 3.20 3.69 -13.29
N GLY A 100 2.44 4.45 -14.07
CA GLY A 100 1.01 4.25 -14.14
C GLY A 100 0.33 5.43 -14.79
N CYS A 101 -1.00 5.41 -14.76
CA CYS A 101 -1.75 6.46 -15.43
C CYS A 101 -3.08 6.69 -14.76
N ASP A 102 -3.42 7.96 -14.55
CA ASP A 102 -4.74 8.35 -14.10
C ASP A 102 -5.57 8.76 -15.31
N VAL A 103 -6.81 8.31 -15.33
CA VAL A 103 -7.73 8.57 -16.44
C VAL A 103 -8.97 9.21 -15.86
N GLY A 104 -9.58 10.11 -16.63
CA GLY A 104 -10.73 10.88 -16.18
C GLY A 104 -12.04 10.24 -16.60
N PRO A 105 -13.14 10.71 -16.01
CA PRO A 105 -14.44 10.01 -16.16
C PRO A 105 -14.85 9.68 -17.59
N ASP A 106 -14.56 10.56 -18.55
CA ASP A 106 -14.79 10.19 -19.95
C ASP A 106 -13.71 9.24 -20.45
N GLY A 107 -12.48 9.43 -20.01
CA GLY A 107 -11.37 8.69 -20.56
C GLY A 107 -10.21 9.63 -20.78
N CYS A 108 -10.48 10.93 -20.61
CA CYS A 108 -9.45 11.95 -20.48
C CYS A 108 -8.29 11.38 -19.67
N LEU A 109 -7.08 11.44 -20.25
CA LEU A 109 -5.85 11.00 -19.57
C LEU A 109 -5.38 12.13 -18.67
N LEU A 110 -5.54 11.95 -17.37
CA LEU A 110 -5.22 13.05 -16.45
C LEU A 110 -3.72 13.18 -16.27
N ARG A 111 -3.07 12.12 -15.74
CA ARG A 111 -1.63 12.11 -15.50
C ARG A 111 -1.01 10.80 -15.92
N GLY A 112 0.24 10.88 -16.36
CA GLY A 112 1.12 9.72 -16.48
C GLY A 112 2.30 9.82 -15.53
N TYR A 113 2.80 8.66 -15.09
CA TYR A 113 3.89 8.62 -14.11
C TYR A 113 5.01 7.67 -14.50
N SER A 114 6.21 7.99 -14.06
CA SER A 114 7.33 7.05 -14.08
C SER A 114 8.42 7.62 -13.21
N GLN A 115 8.52 7.12 -11.97
CA GLN A 115 9.45 7.63 -10.98
C GLN A 115 10.29 6.48 -10.45
N VAL A 116 11.56 6.78 -10.19
CA VAL A 116 12.52 5.85 -9.62
C VAL A 116 13.03 6.43 -8.29
N SER A 117 13.24 5.55 -7.32
CA SER A 117 13.90 5.89 -6.07
C SER A 117 15.05 4.92 -5.78
N TYR A 118 16.12 5.42 -5.18
CA TYR A 118 17.18 4.59 -4.63
C TYR A 118 17.23 4.76 -3.12
N ASP A 119 17.18 3.64 -2.40
CA ASP A 119 17.16 3.63 -0.95
C ASP A 119 16.13 4.62 -0.38
N GLY A 120 14.99 4.71 -1.04
CA GLY A 120 13.87 5.49 -0.57
C GLY A 120 13.91 6.96 -0.90
N LYS A 121 15.01 7.43 -1.49
CA LYS A 121 15.11 8.82 -1.92
C LYS A 121 14.80 8.84 -3.41
N ASP A 122 14.16 9.94 -3.85
CA ASP A 122 13.96 10.19 -5.27
C ASP A 122 15.28 10.11 -6.02
N TYR A 123 15.27 9.42 -7.17
CA TYR A 123 16.45 9.28 -7.99
C TYR A 123 16.28 10.02 -9.31
N ILE A 124 15.34 9.59 -10.15
CA ILE A 124 15.00 10.25 -11.40
C ILE A 124 13.50 10.10 -11.54
N SER A 125 12.88 11.01 -12.28
CA SER A 125 11.44 10.92 -12.48
C SER A 125 11.07 11.62 -13.77
N LEU A 126 10.00 11.13 -14.39
CA LEU A 126 9.52 11.70 -15.64
C LEU A 126 8.62 12.90 -15.34
N ASN A 127 8.88 14.03 -16.01
CA ASN A 127 8.18 15.27 -15.73
C ASN A 127 6.75 15.25 -16.28
N LYS A 128 5.98 16.31 -16.00
CA LYS A 128 4.56 16.29 -16.35
C LYS A 128 4.34 16.43 -17.87
N ASP A 129 5.28 17.08 -18.58
CA ASP A 129 5.28 17.05 -20.04
C ASP A 129 5.56 15.65 -20.62
N LEU A 130 5.88 14.65 -19.80
CA LEU A 130 6.18 13.27 -20.23
C LEU A 130 7.35 13.23 -21.24
N ARG A 131 8.20 14.25 -21.25
CA ARG A 131 9.25 14.42 -22.25
C ARG A 131 10.62 14.75 -21.68
N SER A 132 10.71 15.23 -20.44
CA SER A 132 11.96 15.48 -19.76
C SER A 132 11.96 14.70 -18.45
N TRP A 133 13.09 14.73 -17.75
CA TRP A 133 13.28 14.00 -16.51
C TRP A 133 13.95 14.92 -15.51
N THR A 134 13.65 14.69 -14.23
CA THR A 134 14.33 15.37 -13.12
C THR A 134 15.32 14.38 -12.49
N ALA A 135 16.59 14.76 -12.45
CA ALA A 135 17.59 13.93 -11.80
C ALA A 135 17.94 14.56 -10.46
N ALA A 136 17.73 13.79 -9.38
CA ALA A 136 17.89 14.33 -8.03
C ALA A 136 19.33 14.73 -7.73
N ASP A 137 20.30 13.94 -8.17
CA ASP A 137 21.68 14.17 -7.85
C ASP A 137 22.52 13.82 -9.07
N THR A 138 23.83 13.80 -8.84
CA THR A 138 24.84 13.73 -9.89
C THR A 138 24.93 12.32 -10.47
N ALA A 139 24.81 11.31 -9.60
CA ALA A 139 24.63 9.95 -10.07
C ALA A 139 23.42 9.84 -10.99
N ALA A 140 22.28 10.40 -10.58
CA ALA A 140 21.08 10.36 -11.40
C ALA A 140 21.30 11.06 -12.74
N GLN A 141 22.18 12.05 -12.78
CA GLN A 141 22.41 12.79 -14.02
C GLN A 141 23.03 11.95 -15.12
N ILE A 142 23.79 10.90 -14.75
CA ILE A 142 24.28 9.95 -15.76
C ILE A 142 23.14 9.08 -16.28
N THR A 143 22.23 8.63 -15.40
CA THR A 143 21.04 7.92 -15.86
C THR A 143 20.22 8.80 -16.79
N ARG A 144 20.10 10.09 -16.44
CA ARG A 144 19.31 11.00 -17.26
C ARG A 144 19.86 11.10 -18.66
N LEU A 145 21.16 11.40 -18.77
CA LEU A 145 21.75 11.55 -20.09
C LEU A 145 21.59 10.27 -20.90
N LYS A 146 21.89 9.12 -20.28
CA LYS A 146 21.66 7.82 -20.90
C LYS A 146 20.26 7.72 -21.47
N TRP A 147 19.25 8.07 -20.66
CA TRP A 147 17.87 7.94 -21.08
C TRP A 147 17.45 9.00 -22.10
N GLU A 148 18.02 10.21 -22.04
CA GLU A 148 17.70 11.17 -23.10
C GLU A 148 18.21 10.68 -24.44
N GLU A 149 19.45 10.18 -24.49
CA GLU A 149 20.00 9.66 -25.74
C GLU A 149 19.27 8.43 -26.26
N ALA A 150 18.80 7.57 -25.35
CA ALA A 150 18.05 6.39 -25.78
C ALA A 150 16.58 6.69 -26.13
N GLY A 151 16.09 7.93 -25.91
CA GLY A 151 14.70 8.27 -26.16
C GLY A 151 13.70 7.61 -25.23
N VAL A 152 14.12 7.34 -24.00
CA VAL A 152 13.31 6.54 -23.10
C VAL A 152 11.99 7.22 -22.79
N ALA A 153 11.99 8.55 -22.70
CA ALA A 153 10.74 9.23 -22.36
C ALA A 153 9.70 8.98 -23.44
N GLU A 154 10.14 8.95 -24.70
CA GLU A 154 9.20 8.80 -25.80
C GLU A 154 8.51 7.43 -25.75
N GLN A 155 9.22 6.38 -25.33
CA GLN A 155 8.55 5.08 -25.24
C GLN A 155 7.74 4.96 -23.96
N GLU A 156 8.20 5.59 -22.88
CA GLU A 156 7.36 5.72 -21.70
C GLU A 156 6.07 6.46 -22.04
N ARG A 157 6.19 7.63 -22.70
CA ARG A 157 5.00 8.42 -23.00
C ARG A 157 3.95 7.59 -23.76
N ASN A 158 4.37 6.87 -24.80
CA ASN A 158 3.45 6.08 -25.60
C ASN A 158 2.81 4.97 -24.79
N TYR A 159 3.57 4.35 -23.91
CA TYR A 159 2.98 3.37 -23.01
C TYR A 159 1.90 4.00 -22.16
N LEU A 160 2.22 5.14 -21.52
CA LEU A 160 1.29 5.83 -20.61
C LEU A 160 0.07 6.39 -21.33
N GLU A 161 0.26 7.01 -22.48
CA GLU A 161 -0.85 7.52 -23.29
C GLU A 161 -1.58 6.42 -24.07
N GLY A 162 -1.02 5.24 -24.23
CA GLY A 162 -1.71 4.21 -24.99
C GLY A 162 -2.07 2.97 -24.20
N THR A 163 -1.12 2.04 -24.13
CA THR A 163 -1.35 0.75 -23.48
C THR A 163 -1.96 0.92 -22.09
N CYS A 164 -1.39 1.82 -21.29
CA CYS A 164 -1.89 2.03 -19.94
C CYS A 164 -3.35 2.43 -19.95
N VAL A 165 -3.68 3.47 -20.72
CA VAL A 165 -5.05 3.96 -20.77
C VAL A 165 -5.97 2.88 -21.33
N GLU A 166 -5.60 2.30 -22.48
CA GLU A 166 -6.40 1.26 -23.09
C GLU A 166 -6.61 0.08 -22.14
N TRP A 167 -5.56 -0.35 -21.46
CA TRP A 167 -5.71 -1.51 -20.62
C TRP A 167 -6.42 -1.21 -19.32
N LEU A 168 -6.37 0.03 -18.83
CA LEU A 168 -7.17 0.36 -17.65
C LEU A 168 -8.66 0.26 -17.95
N ALA A 169 -9.05 0.57 -19.20
CA ALA A 169 -10.42 0.36 -19.65
C ALA A 169 -10.78 -1.12 -19.64
N LYS A 170 -9.95 -1.94 -20.30
CA LYS A 170 -10.17 -3.37 -20.25
C LYS A 170 -10.29 -3.86 -18.81
N TYR A 171 -9.43 -3.37 -17.90
CA TYR A 171 -9.52 -3.87 -16.54
C TYR A 171 -10.83 -3.48 -15.89
N LEU A 172 -11.21 -2.21 -15.98
CA LEU A 172 -12.44 -1.75 -15.34
C LEU A 172 -13.66 -2.43 -15.95
N ASP A 173 -13.54 -2.87 -17.20
CA ASP A 173 -14.59 -3.70 -17.78
C ASP A 173 -14.62 -5.07 -17.10
N MET A 174 -13.51 -5.82 -17.17
CA MET A 174 -13.53 -7.15 -16.55
C MET A 174 -14.08 -7.10 -15.13
N GLY A 175 -13.86 -6.02 -14.41
CA GLY A 175 -14.19 -6.00 -13.00
C GLY A 175 -15.27 -5.01 -12.63
N LYS A 176 -16.14 -4.65 -13.56
CA LYS A 176 -17.35 -3.95 -13.16
C LYS A 176 -18.00 -4.76 -12.06
N GLU A 177 -18.81 -4.11 -11.21
CA GLU A 177 -19.54 -4.79 -10.15
C GLU A 177 -18.61 -4.97 -8.96
N THR A 178 -17.32 -5.12 -9.25
CA THR A 178 -16.24 -5.08 -8.27
C THR A 178 -15.63 -3.68 -8.19
N LEU A 179 -15.01 -3.25 -9.30
CA LEU A 179 -14.17 -2.06 -9.34
C LEU A 179 -14.99 -0.77 -9.33
N LEU A 180 -16.14 -0.76 -10.01
CA LEU A 180 -16.93 0.44 -10.23
C LEU A 180 -18.06 0.58 -9.23
N ARG A 181 -17.98 -0.11 -8.10
CA ARG A 181 -19.02 -0.09 -7.08
C ARG A 181 -18.38 0.30 -5.75
N ALA A 182 -18.86 1.39 -5.16
CA ALA A 182 -18.33 1.93 -3.91
C ALA A 182 -19.11 1.36 -2.73
N GLU A 183 -18.39 0.85 -1.74
CA GLU A 183 -19.05 0.28 -0.58
C GLU A 183 -19.14 1.34 0.52
N SER A 184 -20.38 1.74 0.86
CA SER A 184 -20.64 2.64 1.98
C SER A 184 -19.93 2.11 3.23
N PRO A 185 -19.52 2.97 4.18
CA PRO A 185 -18.94 2.45 5.42
C PRO A 185 -20.00 2.10 6.48
N ASN A 186 -19.73 1.03 7.22
CA ASN A 186 -20.49 0.74 8.42
C ASN A 186 -19.96 1.66 9.52
N THR A 187 -20.79 2.55 10.02
CA THR A 187 -20.37 3.57 10.97
C THR A 187 -20.93 3.27 12.36
N ARG A 188 -20.08 3.26 13.35
CA ARG A 188 -20.52 3.25 14.74
C ARG A 188 -19.60 4.14 15.55
N MET A 189 -20.15 4.72 16.60
CA MET A 189 -19.36 5.40 17.63
C MET A 189 -19.39 4.53 18.87
N THR A 190 -18.22 4.27 19.42
CA THR A 190 -18.10 3.56 20.68
C THR A 190 -17.61 4.52 21.75
N ARG A 191 -17.67 4.08 22.99
CA ARG A 191 -17.19 4.93 24.08
C ARG A 191 -16.48 4.08 25.11
N HIS A 192 -15.29 4.52 25.50
CA HIS A 192 -14.45 3.77 26.42
C HIS A 192 -13.98 4.69 27.52
N PRO A 193 -14.62 4.66 28.68
CA PRO A 193 -14.13 5.45 29.80
C PRO A 193 -12.67 5.13 30.08
N ILE A 194 -11.96 6.14 30.58
CA ILE A 194 -10.58 5.93 31.02
C ILE A 194 -10.44 6.32 32.48
N SER A 195 -10.67 7.59 32.80
CA SER A 195 -10.67 7.99 34.20
C SER A 195 -12.10 7.91 34.73
N ASP A 196 -12.35 8.53 35.89
CA ASP A 196 -13.73 8.77 36.28
C ASP A 196 -14.24 10.09 35.74
N ARG A 197 -13.40 10.83 35.00
CA ARG A 197 -13.76 12.12 34.43
C ARG A 197 -13.33 12.28 32.98
N GLU A 198 -13.02 11.19 32.27
CA GLU A 198 -12.53 11.27 30.89
C GLU A 198 -12.74 9.94 30.17
N VAL A 199 -13.37 10.00 28.99
CA VAL A 199 -13.59 8.81 28.17
C VAL A 199 -12.99 9.05 26.79
N THR A 200 -12.82 7.96 26.05
CA THR A 200 -12.45 8.00 24.64
C THR A 200 -13.69 7.74 23.80
N LEU A 201 -13.95 8.58 22.81
CA LEU A 201 -15.13 8.44 21.95
C LEU A 201 -14.65 8.06 20.55
N ARG A 202 -14.35 6.78 20.35
CA ARG A 202 -13.92 6.34 19.03
C ARG A 202 -15.07 6.44 18.03
N CYS A 203 -14.73 6.76 16.78
CA CYS A 203 -15.69 6.86 15.69
C CYS A 203 -15.18 5.98 14.55
N TRP A 204 -15.88 4.89 14.27
CA TRP A 204 -15.43 3.89 13.31
C TRP A 204 -16.20 3.96 12.00
N ALA A 205 -15.49 3.68 10.92
CA ALA A 205 -16.10 3.44 9.61
C ALA A 205 -15.45 2.18 9.05
N LEU A 206 -16.25 1.17 8.75
CA LEU A 206 -15.72 -0.14 8.44
C LEU A 206 -16.18 -0.61 7.08
N GLY A 207 -15.37 -1.46 6.46
CA GLY A 207 -15.81 -2.13 5.24
C GLY A 207 -16.07 -1.24 4.07
N PHE A 208 -15.46 -0.07 3.99
CA PHE A 208 -15.67 0.77 2.83
C PHE A 208 -14.60 0.52 1.75
N TYR A 209 -14.97 0.86 0.52
CA TYR A 209 -14.12 0.89 -0.66
C TYR A 209 -14.66 2.02 -1.53
N PRO A 210 -13.77 2.83 -2.14
CA PRO A 210 -12.30 2.74 -2.10
C PRO A 210 -11.77 3.41 -0.84
N ALA A 211 -10.46 3.35 -0.56
CA ALA A 211 -9.92 3.76 0.73
C ALA A 211 -10.08 5.26 0.99
N GLU A 212 -10.45 6.03 -0.03
CA GLU A 212 -10.70 7.45 0.14
C GLU A 212 -11.88 7.70 1.08
N ILE A 213 -11.60 8.37 2.20
CA ILE A 213 -12.59 8.65 3.23
C ILE A 213 -12.13 9.89 4.00
N THR A 214 -13.04 10.54 4.72
CA THR A 214 -12.66 11.52 5.72
C THR A 214 -13.62 11.48 6.91
N LEU A 215 -13.05 11.37 8.10
CA LEU A 215 -13.78 11.40 9.37
C LEU A 215 -13.44 12.69 10.08
N THR A 216 -14.44 13.35 10.65
CA THR A 216 -14.17 14.62 11.32
C THR A 216 -15.16 14.83 12.46
N TRP A 217 -14.68 15.52 13.50
CA TRP A 217 -15.46 15.74 14.70
C TRP A 217 -15.98 17.18 14.75
N GLN A 218 -16.72 17.50 15.81
CA GLN A 218 -17.43 18.78 15.88
C GLN A 218 -18.02 18.99 17.28
N ARG A 219 -17.49 19.97 18.02
CA ARG A 219 -17.92 20.25 19.39
C ARG A 219 -18.93 21.39 19.36
N ASP A 220 -20.21 21.04 19.30
CA ASP A 220 -21.37 21.92 19.18
C ASP A 220 -21.46 22.60 17.83
N GLY A 221 -20.60 22.25 16.88
CA GLY A 221 -20.54 22.87 15.57
C GLY A 221 -19.08 22.98 15.19
N GLN A 222 -18.29 23.48 16.12
CA GLN A 222 -16.91 23.81 15.83
C GLN A 222 -16.12 22.55 15.54
N ASP A 223 -15.61 22.44 14.32
CA ASP A 223 -14.69 21.38 13.96
C ASP A 223 -13.66 21.18 15.05
N HIS A 224 -13.69 20.01 15.68
CA HIS A 224 -12.81 19.64 16.78
C HIS A 224 -11.90 18.47 16.37
N THR A 225 -11.48 18.47 15.11
CA THR A 225 -10.50 17.49 14.66
C THR A 225 -9.05 17.78 15.21
N GLN A 226 -8.92 18.79 16.06
CA GLN A 226 -7.62 19.25 16.54
C GLN A 226 -7.15 18.35 17.68
N ASP A 227 -6.14 17.55 17.38
CA ASP A 227 -5.66 16.47 18.25
C ASP A 227 -6.78 15.48 18.58
N ALA A 228 -7.65 15.22 17.61
CA ALA A 228 -8.36 13.95 17.58
C ALA A 228 -7.45 12.92 16.93
N GLU A 229 -7.51 11.70 17.42
CA GLU A 229 -6.62 10.66 16.93
C GLU A 229 -7.19 10.07 15.64
N LEU A 230 -6.44 10.20 14.56
CA LEU A 230 -6.79 9.60 13.27
C LEU A 230 -5.77 8.55 12.96
N VAL A 231 -6.22 7.33 12.68
CA VAL A 231 -5.29 6.24 12.44
C VAL A 231 -5.20 6.01 10.94
N GLU A 232 -4.07 5.45 10.52
CA GLU A 232 -3.86 5.25 9.11
C GLU A 232 -4.90 4.27 8.60
N THR A 233 -5.40 4.50 7.39
CA THR A 233 -6.45 3.64 6.84
C THR A 233 -5.86 2.27 6.48
N ARG A 234 -6.41 1.23 7.07
CA ARG A 234 -5.89 -0.13 7.00
C ARG A 234 -6.77 -1.00 6.11
N PRO A 235 -6.24 -2.08 5.56
CA PRO A 235 -7.08 -3.02 4.82
C PRO A 235 -7.81 -3.95 5.76
N ALA A 236 -9.02 -4.34 5.36
CA ALA A 236 -9.74 -5.31 6.17
C ALA A 236 -9.36 -6.76 5.83
N GLY A 237 -8.72 -7.00 4.68
CA GLY A 237 -8.41 -8.33 4.24
C GLY A 237 -9.34 -8.87 3.17
N ASP A 238 -10.57 -8.36 3.12
CA ASP A 238 -11.55 -8.70 2.09
C ASP A 238 -11.59 -7.69 0.95
N GLY A 239 -10.57 -6.83 0.84
CA GLY A 239 -10.51 -5.83 -0.20
C GLY A 239 -11.18 -4.53 0.12
N THR A 240 -11.69 -4.36 1.33
CA THR A 240 -12.26 -3.11 1.82
C THR A 240 -11.44 -2.62 3.01
N PHE A 241 -11.70 -1.38 3.41
CA PHE A 241 -10.78 -0.66 4.29
C PHE A 241 -11.50 -0.23 5.55
N GLN A 242 -10.70 0.20 6.53
CA GLN A 242 -11.22 0.74 7.78
C GLN A 242 -10.38 1.93 8.20
N LYS A 243 -10.96 2.74 9.07
CA LYS A 243 -10.28 3.85 9.71
C LYS A 243 -11.17 4.34 10.84
N TRP A 244 -10.56 4.69 11.98
CA TRP A 244 -11.33 5.28 13.07
C TRP A 244 -10.67 6.55 13.57
N ALA A 245 -11.41 7.25 14.42
CA ALA A 245 -10.96 8.57 14.85
C ALA A 245 -11.61 8.85 16.19
N ALA A 246 -10.81 8.85 17.25
CA ALA A 246 -11.29 9.03 18.61
C ALA A 246 -11.00 10.44 19.09
N VAL A 247 -11.84 10.91 20.00
CA VAL A 247 -11.58 12.13 20.76
C VAL A 247 -11.67 11.81 22.25
N VAL A 248 -10.85 12.45 23.05
CA VAL A 248 -10.95 12.34 24.51
C VAL A 248 -11.87 13.44 24.99
N VAL A 249 -12.71 13.13 25.95
CA VAL A 249 -13.77 14.06 26.34
C VAL A 249 -14.14 13.82 27.80
N PRO A 250 -14.45 14.86 28.56
CA PRO A 250 -14.80 14.67 29.97
C PRO A 250 -16.20 14.08 30.15
N SER A 251 -16.38 13.42 31.30
CA SER A 251 -17.63 12.75 31.62
C SER A 251 -18.81 13.72 31.55
N GLY A 252 -19.95 13.21 31.10
CA GLY A 252 -21.10 14.06 30.89
C GLY A 252 -21.04 14.92 29.64
N GLU A 253 -19.87 15.07 29.01
CA GLU A 253 -19.72 15.95 27.86
C GLU A 253 -19.95 15.25 26.53
N GLU A 254 -20.02 13.91 26.52
CA GLU A 254 -20.24 13.17 25.28
C GLU A 254 -21.42 13.71 24.50
N GLN A 255 -22.49 14.07 25.21
CA GLN A 255 -23.72 14.50 24.56
C GLN A 255 -23.54 15.76 23.71
N ARG A 256 -22.40 16.44 23.78
CA ARG A 256 -22.19 17.65 22.99
C ARG A 256 -21.38 17.41 21.73
N TYR A 257 -20.65 16.29 21.66
CA TYR A 257 -19.72 16.00 20.58
C TYR A 257 -20.46 15.38 19.39
N THR A 258 -19.72 15.14 18.30
CA THR A 258 -20.34 14.74 17.04
C THR A 258 -19.31 14.30 16.00
N CYS A 259 -19.57 13.17 15.33
CA CYS A 259 -18.69 12.64 14.30
C CYS A 259 -19.39 12.66 12.94
N HIS A 260 -18.60 12.88 11.88
CA HIS A 260 -19.16 12.86 10.52
C HIS A 260 -18.27 12.09 9.58
N VAL A 261 -18.91 11.25 8.78
CA VAL A 261 -18.26 10.46 7.75
C VAL A 261 -18.79 10.95 6.42
N GLN A 262 -17.88 11.22 5.49
CA GLN A 262 -18.20 11.28 4.08
C GLN A 262 -17.34 10.27 3.36
N HIS A 263 -17.94 9.66 2.34
CA HIS A 263 -17.31 8.64 1.52
C HIS A 263 -18.09 8.62 0.21
N GLU A 264 -17.40 8.33 -0.88
CA GLU A 264 -18.06 8.23 -2.18
C GLU A 264 -19.43 7.54 -2.09
N GLY A 265 -19.44 6.28 -1.65
CA GLY A 265 -20.66 5.50 -1.65
C GLY A 265 -21.80 5.96 -0.76
N LEU A 266 -21.62 7.07 -0.03
CA LEU A 266 -22.66 7.66 0.83
C LEU A 266 -23.45 8.71 0.07
N PRO A 267 -24.78 8.74 0.23
CA PRO A 267 -25.58 9.74 -0.49
C PRO A 267 -25.49 11.17 0.04
N GLU A 268 -25.49 11.32 1.36
CA GLU A 268 -25.30 12.56 2.08
C GLU A 268 -24.52 12.17 3.30
N PRO A 269 -23.84 13.11 3.98
CA PRO A 269 -22.87 12.74 5.02
C PRO A 269 -23.51 12.05 6.22
N ILE A 270 -22.84 11.04 6.73
CA ILE A 270 -23.30 10.37 7.94
C ILE A 270 -22.91 11.21 9.14
N THR A 271 -23.81 11.31 10.12
CA THR A 271 -23.53 12.08 11.31
C THR A 271 -23.81 11.25 12.57
N LEU A 272 -22.82 11.21 13.48
CA LEU A 272 -22.84 10.33 14.63
C LEU A 272 -22.73 11.16 15.92
N ARG A 273 -23.76 11.05 16.79
CA ARG A 273 -23.71 11.54 18.17
C ARG A 273 -24.10 10.43 19.14
N TRP A 274 -23.33 10.28 20.21
CA TRP A 274 -23.58 9.33 21.30
C TRP A 274 -25.07 9.20 21.74
N MET B 1 21.98 6.34 3.79
CA MET B 1 20.58 5.95 3.62
C MET B 1 19.63 6.96 4.29
N VAL B 2 18.32 6.66 4.20
CA VAL B 2 17.24 7.37 4.90
C VAL B 2 16.21 6.32 5.30
N GLN B 3 16.05 6.11 6.62
CA GLN B 3 15.27 5.00 7.15
C GLN B 3 14.07 5.51 7.93
N HIS B 4 12.91 4.91 7.70
CA HIS B 4 11.70 5.21 8.44
C HIS B 4 11.27 3.97 9.24
N SER B 5 10.82 4.17 10.47
CA SER B 5 10.47 3.04 11.33
C SER B 5 9.09 2.49 10.96
N PRO B 6 8.87 1.19 11.18
CA PRO B 6 7.57 0.58 10.85
C PRO B 6 6.46 0.94 11.83
N LYS B 7 5.33 1.39 11.28
CA LYS B 7 4.12 1.69 12.03
C LYS B 7 3.17 0.48 11.94
N VAL B 8 2.71 -0.02 13.08
CA VAL B 8 1.99 -1.28 13.15
C VAL B 8 0.67 -1.06 13.89
N GLN B 9 -0.41 -1.58 13.29
CA GLN B 9 -1.75 -1.68 13.88
C GLN B 9 -2.18 -3.15 13.86
N VAL B 10 -2.85 -3.59 14.92
CA VAL B 10 -3.32 -4.97 15.00
C VAL B 10 -4.80 -4.95 15.34
N TYR B 11 -5.61 -5.59 14.50
CA TYR B 11 -7.05 -5.34 14.52
C TYR B 11 -7.82 -6.54 13.96
N SER B 12 -9.07 -6.68 14.41
CA SER B 12 -10.00 -7.69 13.93
C SER B 12 -10.71 -7.18 12.68
N ARG B 13 -10.81 -8.06 11.67
CA ARG B 13 -11.55 -7.69 10.45
C ARG B 13 -12.90 -7.13 10.81
N HIS B 14 -13.73 -7.93 11.47
CA HIS B 14 -15.02 -7.74 12.08
C HIS B 14 -14.88 -7.58 13.59
N PRO B 15 -15.70 -6.72 14.20
CA PRO B 15 -15.59 -6.52 15.65
C PRO B 15 -15.65 -7.85 16.40
N ALA B 16 -15.03 -7.88 17.57
CA ALA B 16 -14.78 -9.15 18.26
C ALA B 16 -16.03 -9.62 19.02
N GLU B 17 -16.92 -10.29 18.28
CA GLU B 17 -17.88 -11.15 18.95
C GLU B 17 -17.12 -12.34 19.53
N ASN B 18 -17.30 -12.56 20.83
CA ASN B 18 -16.48 -13.52 21.54
C ASN B 18 -16.91 -14.93 21.16
N GLY B 19 -15.98 -15.70 20.60
CA GLY B 19 -16.27 -17.05 20.21
C GLY B 19 -16.18 -17.28 18.71
N LYS B 20 -16.85 -16.42 17.95
CA LYS B 20 -17.09 -16.69 16.53
C LYS B 20 -15.80 -16.62 15.71
N PRO B 21 -15.81 -17.16 14.49
CA PRO B 21 -14.64 -17.02 13.61
C PRO B 21 -14.50 -15.59 13.09
N ASN B 22 -13.26 -15.13 13.01
CA ASN B 22 -12.96 -13.78 12.55
C ASN B 22 -11.73 -13.86 11.66
N PHE B 23 -11.03 -12.73 11.54
CA PHE B 23 -9.73 -12.63 10.89
C PHE B 23 -8.90 -11.64 11.67
N LEU B 24 -7.67 -12.04 11.98
CA LEU B 24 -6.72 -11.23 12.72
C LEU B 24 -5.79 -10.54 11.75
N ASN B 25 -5.61 -9.23 11.93
CA ASN B 25 -4.95 -8.38 10.96
C ASN B 25 -3.75 -7.68 11.62
N CYS B 26 -2.58 -7.88 11.05
CA CYS B 26 -1.42 -7.05 11.35
C CYS B 26 -1.10 -6.24 10.08
N TYR B 27 -1.29 -4.90 10.17
CA TYR B 27 -0.96 -3.96 9.11
C TYR B 27 0.27 -3.18 9.53
N VAL B 28 1.39 -3.38 8.82
CA VAL B 28 2.64 -2.67 9.07
C VAL B 28 3.07 -1.96 7.79
N SER B 29 3.57 -0.74 7.96
CA SER B 29 3.57 0.24 6.89
C SER B 29 4.49 1.40 7.25
N GLY B 30 4.88 2.16 6.22
CA GLY B 30 5.59 3.40 6.46
C GLY B 30 7.05 3.22 6.77
N PHE B 31 7.62 2.08 6.40
CA PHE B 31 8.97 1.67 6.74
C PHE B 31 9.82 1.62 5.48
N HIS B 32 11.15 1.72 5.72
CA HIS B 32 12.25 1.66 4.77
C HIS B 32 13.51 1.35 5.60
N PRO B 33 14.38 0.39 5.19
CA PRO B 33 14.39 -0.45 3.98
C PRO B 33 13.26 -1.46 3.98
N PRO B 34 13.01 -2.17 2.87
CA PRO B 34 11.86 -3.09 2.87
C PRO B 34 12.04 -4.30 3.77
N GLN B 35 13.26 -4.82 3.94
CA GLN B 35 13.47 -6.07 4.66
C GLN B 35 12.92 -5.96 6.07
N ILE B 36 11.94 -6.82 6.37
CA ILE B 36 11.18 -6.76 7.62
C ILE B 36 10.70 -8.16 7.98
N ASP B 37 10.61 -8.42 9.28
CA ASP B 37 10.15 -9.70 9.82
C ASP B 37 8.86 -9.48 10.59
N ILE B 38 7.83 -10.28 10.30
CA ILE B 38 6.50 -10.08 10.86
C ILE B 38 5.90 -11.42 11.20
N THR B 39 5.48 -11.61 12.44
CA THR B 39 4.80 -12.83 12.82
C THR B 39 3.68 -12.45 13.76
N LEU B 40 2.56 -13.16 13.63
CA LEU B 40 1.44 -13.02 14.55
C LEU B 40 1.61 -14.01 15.69
N MET B 41 1.25 -13.58 16.90
CA MET B 41 1.45 -14.37 18.12
C MET B 41 0.12 -14.90 18.67
N LYS B 42 0.08 -16.22 18.96
CA LYS B 42 -0.99 -16.88 19.73
C LYS B 42 -0.49 -17.01 21.18
N ASN B 43 -0.91 -16.07 22.03
CA ASN B 43 -0.48 -16.02 23.44
C ASN B 43 1.03 -15.90 23.61
N GLY B 44 1.76 -15.83 22.49
CA GLY B 44 3.20 -15.76 22.54
C GLY B 44 3.84 -16.71 21.56
N LYS B 45 3.05 -17.34 20.71
CA LYS B 45 3.54 -18.37 19.80
C LYS B 45 3.21 -18.02 18.36
N LYS B 46 4.13 -18.33 17.44
CA LYS B 46 3.96 -17.94 16.04
C LYS B 46 2.78 -18.67 15.43
N MET B 47 1.77 -17.91 14.97
CA MET B 47 0.69 -18.48 14.18
C MET B 47 1.05 -18.40 12.71
N GLU B 48 0.92 -19.53 12.02
CA GLU B 48 0.97 -19.50 10.57
C GLU B 48 -0.10 -18.55 10.05
N ALA B 49 0.16 -17.97 8.89
CA ALA B 49 -0.57 -16.82 8.41
C ALA B 49 -0.05 -16.50 7.02
N GLU B 50 -0.88 -15.80 6.23
CA GLU B 50 -0.44 -15.30 4.93
C GLU B 50 0.06 -13.86 5.04
N GLN B 51 0.95 -13.51 4.12
CA GLN B 51 1.50 -12.17 4.03
C GLN B 51 1.29 -11.64 2.62
N THR B 52 0.85 -10.39 2.53
CA THR B 52 0.56 -9.76 1.26
C THR B 52 1.86 -9.51 0.50
N ASP B 53 1.77 -8.94 -0.69
CA ASP B 53 2.95 -8.69 -1.49
C ASP B 53 3.52 -7.31 -1.21
N LEU B 54 4.83 -7.19 -1.42
CA LEU B 54 5.54 -5.94 -1.21
C LEU B 54 5.03 -4.83 -2.13
N SER B 55 4.21 -3.95 -1.59
CA SER B 55 3.79 -2.73 -2.25
C SER B 55 4.22 -1.55 -1.39
N PHE B 56 4.18 -0.36 -1.97
CA PHE B 56 4.58 0.84 -1.26
C PHE B 56 3.70 2.00 -1.69
N ASN B 57 3.82 3.09 -0.93
CA ASN B 57 3.13 4.35 -1.13
C ASN B 57 3.94 5.31 -2.01
N ARG B 58 3.37 6.47 -2.31
CA ARG B 58 4.08 7.37 -3.23
C ARG B 58 5.31 8.00 -2.58
N ASP B 59 5.38 8.06 -1.25
CA ASP B 59 6.60 8.47 -0.59
C ASP B 59 7.63 7.35 -0.47
N TRP B 60 7.40 6.21 -1.15
CA TRP B 60 8.29 5.05 -1.25
C TRP B 60 8.38 4.21 0.02
N THR B 61 7.59 4.52 1.06
CA THR B 61 7.58 3.71 2.27
C THR B 61 6.67 2.49 2.10
N PHE B 62 7.20 1.31 2.40
CA PHE B 62 6.49 0.06 2.12
C PHE B 62 5.36 -0.19 3.11
N TYR B 63 4.46 -1.09 2.71
CA TYR B 63 3.41 -1.60 3.59
C TYR B 63 3.15 -3.08 3.30
N LEU B 64 2.76 -3.81 4.35
CA LEU B 64 2.44 -5.23 4.26
C LEU B 64 1.26 -5.54 5.19
N LEU B 65 0.50 -6.57 4.85
CA LEU B 65 -0.55 -7.09 5.72
C LEU B 65 -0.30 -8.57 5.95
N VAL B 66 -0.10 -8.95 7.21
CA VAL B 66 -0.01 -10.34 7.61
C VAL B 66 -1.25 -10.66 8.42
N HIS B 67 -1.95 -11.72 8.03
CA HIS B 67 -3.31 -11.94 8.50
C HIS B 67 -3.61 -13.43 8.42
N THR B 68 -4.20 -13.96 9.49
CA THR B 68 -4.70 -15.32 9.44
C THR B 68 -6.06 -15.33 10.14
N GLU B 69 -6.88 -16.29 9.73
CA GLU B 69 -8.13 -16.56 10.46
C GLU B 69 -7.83 -16.82 11.92
N PHE B 70 -8.68 -16.29 12.79
CA PHE B 70 -8.62 -16.62 14.20
C PHE B 70 -10.04 -16.53 14.74
N THR B 71 -10.23 -17.00 15.98
CA THR B 71 -11.51 -16.86 16.67
C THR B 71 -11.25 -16.28 18.05
N PRO B 72 -11.79 -15.11 18.38
CA PRO B 72 -11.50 -14.47 19.67
C PRO B 72 -12.14 -15.20 20.85
N THR B 73 -11.33 -15.48 21.87
CA THR B 73 -11.87 -15.98 23.12
C THR B 73 -11.82 -14.86 24.15
N VAL B 74 -12.09 -15.19 25.40
CA VAL B 74 -12.11 -14.17 26.44
C VAL B 74 -10.77 -14.06 27.16
N GLU B 75 -9.94 -15.09 27.09
CA GLU B 75 -8.79 -15.18 27.99
C GLU B 75 -7.44 -15.41 27.31
N ASP B 76 -7.38 -15.72 26.01
CA ASP B 76 -6.08 -15.84 25.34
C ASP B 76 -5.76 -14.56 24.56
N GLU B 77 -4.47 -14.33 24.34
CA GLU B 77 -3.97 -13.05 23.84
C GLU B 77 -3.31 -13.20 22.47
N TYR B 78 -3.59 -12.24 21.58
CA TYR B 78 -2.98 -12.18 20.27
C TYR B 78 -2.18 -10.90 20.14
N SER B 79 -1.16 -10.94 19.28
CA SER B 79 -0.20 -9.85 19.16
C SER B 79 0.63 -10.05 17.89
N CYS B 80 1.16 -8.93 17.40
CA CYS B 80 2.13 -8.92 16.31
C CYS B 80 3.50 -8.56 16.86
N GLN B 81 4.50 -9.33 16.48
CA GLN B 81 5.89 -9.00 16.73
C GLN B 81 6.55 -8.73 15.38
N VAL B 82 7.21 -7.57 15.27
CA VAL B 82 7.85 -7.11 14.03
C VAL B 82 9.31 -6.80 14.28
N ASN B 83 10.14 -7.06 13.27
CA ASN B 83 11.58 -6.86 13.34
C ASN B 83 12.06 -6.05 12.14
N HIS B 84 12.98 -5.13 12.38
CA HIS B 84 13.38 -4.14 11.39
C HIS B 84 14.53 -3.32 11.96
N THR B 85 15.39 -2.83 11.04
CA THR B 85 16.66 -2.27 11.46
C THR B 85 16.49 -0.99 12.29
N THR B 86 15.49 -0.15 11.99
CA THR B 86 15.39 1.09 12.75
C THR B 86 15.10 0.85 14.22
N LEU B 87 14.69 -0.36 14.59
CA LEU B 87 14.25 -0.69 15.94
C LEU B 87 15.35 -1.45 16.67
N SER B 88 15.65 -1.02 17.90
CA SER B 88 16.73 -1.67 18.66
C SER B 88 16.31 -3.04 19.18
N GLU B 89 15.06 -3.19 19.62
CA GLU B 89 14.42 -4.46 19.97
C GLU B 89 13.40 -4.83 18.91
N PRO B 90 12.93 -6.08 18.90
CA PRO B 90 11.67 -6.36 18.17
C PRO B 90 10.51 -5.67 18.89
N LYS B 91 9.88 -4.74 18.18
CA LYS B 91 8.67 -4.11 18.71
C LYS B 91 7.52 -5.10 18.61
N VAL B 92 6.71 -5.13 19.66
CA VAL B 92 5.59 -6.06 19.77
C VAL B 92 4.37 -5.29 20.25
N VAL B 93 3.23 -5.50 19.59
CA VAL B 93 1.97 -4.83 19.92
C VAL B 93 0.87 -5.87 20.07
N LYS B 94 0.18 -5.84 21.20
CA LYS B 94 -0.95 -6.72 21.45
C LYS B 94 -2.23 -6.07 20.92
N TRP B 95 -3.28 -6.88 20.83
CA TRP B 95 -4.52 -6.53 20.13
C TRP B 95 -5.58 -6.08 21.13
N ASP B 96 -5.78 -4.77 21.25
CA ASP B 96 -6.92 -4.20 21.96
C ASP B 96 -8.12 -4.22 21.03
N ARG B 97 -9.12 -5.04 21.33
CA ARG B 97 -10.29 -5.21 20.47
C ARG B 97 -11.18 -3.97 20.42
N ASP B 98 -10.77 -2.86 21.02
CA ASP B 98 -11.44 -1.58 20.90
C ASP B 98 -10.76 -0.65 19.91
N MET B 99 -9.94 -1.19 19.01
CA MET B 99 -9.13 -0.34 18.15
C MET B 99 -8.97 -0.93 16.75
N ARG C 1 -2.02 -4.20 -18.57
CA ARG C 1 -0.80 -4.78 -19.11
C ARG C 1 0.44 -4.03 -18.58
N SER C 2 1.55 -4.74 -18.47
CA SER C 2 2.81 -4.14 -18.06
C SER C 2 3.47 -3.44 -19.23
N ALA C 3 4.49 -2.66 -18.89
CA ALA C 3 5.21 -1.86 -19.86
C ALA C 3 6.50 -2.59 -20.26
N VAL C 4 6.76 -2.65 -21.55
CA VAL C 4 7.98 -3.25 -22.08
C VAL C 4 9.07 -2.20 -21.95
N GLU C 5 10.05 -2.44 -21.08
CA GLU C 5 11.02 -1.39 -20.77
C GLU C 5 12.43 -1.95 -20.82
N ASP C 6 13.29 -1.25 -21.53
CA ASP C 6 14.74 -1.45 -21.43
C ASP C 6 15.34 -0.30 -20.61
N LEU C 7 14.87 -0.22 -19.37
CA LEU C 7 15.36 0.77 -18.42
C LEU C 7 16.68 0.30 -17.84
N LEU C 8 17.79 0.86 -18.32
CA LEU C 8 19.09 0.53 -17.76
C LEU C 8 19.77 1.82 -17.34
N PHE C 9 20.14 1.89 -16.06
CA PHE C 9 20.62 3.12 -15.39
C PHE C 9 22.03 3.54 -15.75
#